data_7LYY
#
_entry.id   7LYY
#
_cell.length_a   114.400
_cell.length_b   114.400
_cell.length_c   307.890
_cell.angle_alpha   90.00
_cell.angle_beta   90.00
_cell.angle_gamma   120.00
#
_symmetry.space_group_name_H-M   'H 3 2'
#
loop_
_entity.id
_entity.type
_entity.pdbx_description
1 polymer GP1
2 polymer GP2
3 branched alpha-D-mannopyranose-(1-6)-beta-D-mannopyranose-(1-4)-2-acetamido-2-deoxy-beta-D-glucopyranose-(1-4)-2-acetamido-2-deoxy-beta-D-glucopyranose
4 non-polymer 2-acetamido-2-deoxy-beta-D-glucopyranose
5 non-polymer 1,2-ETHANEDIOL
6 non-polymer (1s,3R,5S,7s)-N-[(1r,4r)-4-aminocyclohexyl]-3,5-diphenyladamantane-1-carboxamide
7 water water
#
loop_
_entity_poly.entity_id
_entity_poly.type
_entity_poly.pdbx_seq_one_letter_code
_entity_poly.pdbx_strand_id
1 'polypeptide(L)'
;ETGRSIPLGVIHNSALQVSDVDKLVCRDKLSSTNQLRSVGLNLEGNGVATDVPSATKRWGFRSGVPPKVVNYEAGEWAEN
CYNLEIKKPDGSECLPAAPDGIRGFPRCRYVHKVSGTGPCAGDFAFHKEGAFFLYDRLASTVIYRGTTFAEGVVAFLILP
QAKKDFFSSHPLREPVNATEDPSSGYYSTTIRYQATGFGTNETEYLFEVDNLTYVQLESRFTPQFLLQLNETIYTSGKRS
NTTGKLIWKVNPEIDTTIGEWAFWETKKNLTRKIRSEELSFTVVS(UNK)(UNK)(UNK)(UNK)(UNK)
;
A
2 'polypeptide(L)'
;EAIVNAQPKCNPNLHYWTTQDEGAAIGLAWIPYFGPAAEGIYIEGLMHNQDGLICGLRQLANETTQALQLFLRATTELRT
FSILNRKAIDFLLQRWGGTCHILGPDCCIEPADWTKNITDKIDQIIHDFVDGSGYIPEAPRDGQAYVRKDGEWVLLSTFL
GTHHHHHH
;
B
#
loop_
_chem_comp.id
_chem_comp.type
_chem_comp.name
_chem_comp.formula
BMA D-saccharide, beta linking beta-D-mannopyranose 'C6 H12 O6'
EDO non-polymer 1,2-ETHANEDIOL 'C2 H6 O2'
MAN D-saccharide, alpha linking alpha-D-mannopyranose 'C6 H12 O6'
NAG D-saccharide, beta linking 2-acetamido-2-deoxy-beta-D-glucopyranose 'C8 H15 N O6'
YPM non-polymer (1s,3R,5S,7s)-N-[(1r,4r)-4-aminocyclohexyl]-3,5-diphenyladamantane-1-carboxamide 'C29 H36 N2 O'
#
# COMPACT_ATOMS: atom_id res chain seq x y z
N SER A 5 -15.03 -15.23 4.08
CA SER A 5 -14.50 -14.55 5.26
C SER A 5 -13.13 -13.94 4.97
N ILE A 6 -12.81 -12.84 5.62
CA ILE A 6 -11.52 -12.17 5.43
C ILE A 6 -10.43 -12.94 6.15
N PRO A 7 -9.37 -13.36 5.47
CA PRO A 7 -8.33 -14.17 6.10
C PRO A 7 -7.57 -13.39 7.16
N LEU A 8 -7.06 -14.12 8.14
CA LEU A 8 -6.29 -13.55 9.24
C LEU A 8 -5.00 -14.35 9.37
N GLY A 9 -3.87 -13.66 9.37
CA GLY A 9 -2.57 -14.31 9.45
C GLY A 9 -2.12 -14.56 10.87
N VAL A 10 -1.43 -15.70 11.07
CA VAL A 10 -0.99 -16.14 12.39
C VAL A 10 0.24 -17.03 12.22
N ILE A 11 1.07 -17.10 13.25
CA ILE A 11 2.35 -17.82 13.19
C ILE A 11 2.22 -19.15 13.95
N HIS A 12 2.29 -20.25 13.22
CA HIS A 12 2.35 -21.59 13.81
C HIS A 12 3.53 -22.34 13.21
N ASN A 13 4.33 -22.97 14.07
CA ASN A 13 5.47 -23.79 13.64
C ASN A 13 6.48 -22.99 12.82
N SER A 14 6.77 -21.76 13.27
CA SER A 14 7.77 -20.90 12.64
C SER A 14 7.41 -20.55 11.19
N ALA A 15 6.11 -20.47 10.89
CA ALA A 15 5.65 -20.12 9.56
C ALA A 15 4.37 -19.32 9.65
N LEU A 16 4.26 -18.29 8.81
CA LEU A 16 3.00 -17.56 8.71
C LEU A 16 1.94 -18.46 8.06
N GLN A 17 0.72 -18.37 8.56
CA GLN A 17 -0.38 -19.19 8.07
C GLN A 17 -1.67 -18.39 8.08
N VAL A 18 -2.65 -18.87 7.34
CA VAL A 18 -4.01 -18.35 7.38
C VAL A 18 -4.78 -19.13 8.45
N SER A 19 -5.38 -18.42 9.40
CA SER A 19 -6.10 -19.06 10.49
C SER A 19 -7.33 -19.78 9.97
N ASP A 20 -7.50 -21.04 10.36
CA ASP A 20 -8.67 -21.81 9.98
C ASP A 20 -9.86 -21.39 10.82
N VAL A 21 -10.88 -20.83 10.18
CA VAL A 21 -12.07 -20.38 10.91
C VAL A 21 -12.82 -21.56 11.48
N ASP A 22 -12.99 -22.63 10.69
CA ASP A 22 -13.69 -23.84 11.12
C ASP A 22 -12.92 -24.64 12.17
N LYS A 23 -11.71 -24.23 12.53
CA LYS A 23 -10.90 -24.90 13.53
C LYS A 23 -10.61 -23.96 14.68
N LEU A 24 -10.65 -24.50 15.90
CA LEU A 24 -10.46 -23.74 17.13
C LEU A 24 -9.17 -24.19 17.80
N VAL A 25 -8.24 -23.26 17.99
CA VAL A 25 -6.95 -23.54 18.62
C VAL A 25 -6.94 -22.80 19.96
N CYS A 26 -7.21 -23.53 21.04
CA CYS A 26 -7.21 -22.92 22.38
C CYS A 26 -5.83 -22.45 22.80
N ARG A 27 -4.76 -22.97 22.18
CA ARG A 27 -3.43 -22.50 22.51
C ARG A 27 -3.15 -21.12 21.95
N ASP A 28 -3.92 -20.68 20.96
CA ASP A 28 -3.79 -19.32 20.44
C ASP A 28 -4.32 -18.33 21.46
N LYS A 29 -3.49 -17.37 21.86
CA LYS A 29 -3.84 -16.41 22.89
C LYS A 29 -3.96 -15.02 22.27
N LEU A 30 -5.12 -14.38 22.45
CA LEU A 30 -5.37 -12.99 22.08
C LEU A 30 -5.72 -12.23 23.35
N SER A 31 -4.77 -11.47 23.90
CA SER A 31 -4.97 -10.85 25.20
C SER A 31 -5.37 -9.37 25.14
N SER A 32 -5.19 -8.72 23.99
CA SER A 32 -5.62 -7.33 23.82
C SER A 32 -5.78 -7.05 22.35
N THR A 33 -6.61 -6.05 22.03
CA THR A 33 -6.78 -5.64 20.64
C THR A 33 -5.48 -5.12 20.01
N ASN A 34 -4.51 -4.76 20.84
CA ASN A 34 -3.21 -4.35 20.34
C ASN A 34 -2.48 -5.48 19.62
N GLN A 35 -2.83 -6.74 19.88
CA GLN A 35 -2.21 -7.85 19.15
C GLN A 35 -2.69 -7.95 17.72
N LEU A 36 -3.81 -7.30 17.39
CA LEU A 36 -4.34 -7.33 16.04
C LEU A 36 -3.79 -6.13 15.27
N ARG A 37 -3.29 -6.38 14.07
CA ARG A 37 -2.70 -5.33 13.25
C ARG A 37 -3.14 -5.48 11.80
N SER A 38 -3.38 -4.35 11.15
CA SER A 38 -3.62 -4.29 9.72
C SER A 38 -2.40 -3.65 9.06
N VAL A 39 -1.89 -4.28 8.01
CA VAL A 39 -0.65 -3.85 7.38
C VAL A 39 -0.87 -3.70 5.88
N GLY A 40 -0.13 -2.78 5.27
CA GLY A 40 -0.20 -2.57 3.83
C GLY A 40 1.13 -2.83 3.15
N LEU A 41 1.12 -3.64 2.09
CA LEU A 41 2.33 -4.08 1.40
C LEU A 41 2.28 -3.66 -0.06
N ASN A 42 3.41 -3.15 -0.57
CA ASN A 42 3.45 -2.49 -1.88
C ASN A 42 3.65 -3.49 -3.01
N LEU A 43 2.93 -3.28 -4.12
CA LEU A 43 3.09 -4.13 -5.29
C LEU A 43 4.52 -4.18 -5.80
N GLU A 44 5.27 -3.07 -5.63
CA GLU A 44 6.71 -3.08 -5.86
C GLU A 44 7.39 -4.35 -5.37
N GLY A 45 7.11 -4.73 -4.11
CA GLY A 45 7.73 -5.85 -3.45
C GLY A 45 7.48 -7.19 -4.10
N ASN A 46 6.48 -7.29 -4.96
CA ASN A 46 6.17 -8.51 -5.71
C ASN A 46 6.81 -8.52 -7.08
N GLY A 47 7.46 -7.43 -7.49
CA GLY A 47 8.21 -7.39 -8.74
C GLY A 47 7.48 -6.80 -9.93
N VAL A 48 6.41 -6.03 -9.72
CA VAL A 48 5.72 -5.42 -10.84
C VAL A 48 6.54 -4.23 -11.36
N ALA A 49 6.49 -4.04 -12.67
CA ALA A 49 7.14 -2.88 -13.29
C ALA A 49 6.56 -1.59 -12.73
N THR A 50 7.44 -0.67 -12.37
CA THR A 50 7.04 0.55 -11.69
C THR A 50 7.16 1.80 -12.55
N ASP A 51 7.67 1.69 -13.78
CA ASP A 51 7.75 2.82 -14.68
C ASP A 51 6.37 3.37 -15.00
N VAL A 52 6.30 4.68 -15.28
CA VAL A 52 5.01 5.33 -15.49
C VAL A 52 4.20 4.69 -16.61
N PRO A 53 4.78 4.36 -17.77
CA PRO A 53 3.96 3.68 -18.81
C PRO A 53 3.32 2.39 -18.34
N SER A 54 4.08 1.51 -17.67
CA SER A 54 3.55 0.23 -17.22
C SER A 54 2.54 0.41 -16.10
N ALA A 55 2.82 1.35 -15.18
CA ALA A 55 1.96 1.51 -14.01
C ALA A 55 0.59 2.06 -14.38
N THR A 56 0.53 3.02 -15.30
CA THR A 56 -0.76 3.62 -15.63
C THR A 56 -1.64 2.66 -16.42
N LYS A 57 -1.06 1.71 -17.16
CA LYS A 57 -1.87 0.72 -17.86
C LYS A 57 -2.66 -0.17 -16.90
N ARG A 58 -2.33 -0.20 -15.61
CA ARG A 58 -3.05 -1.01 -14.64
C ARG A 58 -4.28 -0.31 -14.07
N TRP A 59 -4.54 0.94 -14.46
CA TRP A 59 -5.66 1.70 -13.93
C TRP A 59 -6.66 1.98 -15.04
N GLY A 60 -7.91 2.18 -14.67
CA GLY A 60 -8.97 2.40 -15.64
C GLY A 60 -10.19 3.04 -15.02
N PHE A 61 -11.01 3.64 -15.87
CA PHE A 61 -12.19 4.38 -15.43
C PHE A 61 -13.45 3.53 -15.59
N ARG A 62 -14.37 3.70 -14.64
CA ARG A 62 -15.57 2.89 -14.55
C ARG A 62 -16.63 3.71 -13.83
N SER A 63 -17.87 3.60 -14.28
CA SER A 63 -18.99 4.23 -13.58
C SER A 63 -19.86 3.18 -12.90
N GLY A 64 -20.68 3.65 -11.97
CA GLY A 64 -21.66 2.79 -11.32
C GLY A 64 -21.15 2.01 -10.14
N VAL A 65 -19.89 2.18 -9.75
CA VAL A 65 -19.32 1.46 -8.62
C VAL A 65 -18.92 2.47 -7.54
N PRO A 66 -19.60 2.50 -6.40
CA PRO A 66 -19.24 3.49 -5.36
C PRO A 66 -17.86 3.24 -4.80
N PRO A 67 -17.06 4.28 -4.61
CA PRO A 67 -15.73 4.09 -4.00
C PRO A 67 -15.83 3.59 -2.56
N LYS A 68 -14.77 2.91 -2.13
CA LYS A 68 -14.70 2.35 -0.79
C LYS A 68 -13.30 2.56 -0.23
N VAL A 69 -13.22 2.78 1.07
CA VAL A 69 -11.98 3.08 1.77
C VAL A 69 -11.88 2.19 3.00
N VAL A 70 -10.70 1.61 3.21
CA VAL A 70 -10.43 0.79 4.38
C VAL A 70 -9.13 1.26 5.03
N ASN A 71 -9.12 1.24 6.35
CA ASN A 71 -8.02 1.69 7.17
C ASN A 71 -6.93 0.61 7.25
N TYR A 72 -5.67 1.05 7.38
CA TYR A 72 -4.54 0.17 7.71
C TYR A 72 -3.52 0.92 8.55
N GLU A 73 -2.84 0.21 9.46
CA GLU A 73 -2.08 0.81 10.56
C GLU A 73 -0.59 0.96 10.29
N ALA A 74 -0.01 0.13 9.42
CA ALA A 74 1.42 0.17 9.16
C ALA A 74 1.65 -0.11 7.69
N GLY A 75 2.70 0.51 7.13
CA GLY A 75 2.97 0.41 5.72
C GLY A 75 4.45 0.26 5.44
N GLU A 76 4.76 0.14 4.15
CA GLU A 76 6.11 -0.09 3.66
C GLU A 76 6.63 1.15 2.95
N TRP A 77 7.86 1.55 3.27
CA TRP A 77 8.56 2.56 2.50
C TRP A 77 8.56 2.17 1.02
N ALA A 78 8.04 3.07 0.19
CA ALA A 78 7.91 2.81 -1.23
C ALA A 78 9.08 3.45 -1.98
N GLU A 79 9.56 2.75 -3.01
CA GLU A 79 10.49 3.39 -3.93
C GLU A 79 9.73 4.31 -4.90
N ASN A 80 8.58 3.85 -5.39
CA ASN A 80 7.81 4.57 -6.40
C ASN A 80 6.41 4.85 -5.88
N CYS A 81 5.98 6.10 -6.04
CA CYS A 81 4.61 6.53 -5.79
C CYS A 81 4.15 7.36 -6.98
N TYR A 82 2.86 7.69 -7.00
CA TYR A 82 2.28 8.37 -8.15
C TYR A 82 1.32 9.45 -7.67
N ASN A 83 1.23 10.52 -8.46
CA ASN A 83 0.42 11.70 -8.15
C ASN A 83 -0.13 12.21 -9.47
N LEU A 84 -1.46 12.16 -9.66
CA LEU A 84 -2.06 12.39 -10.97
C LEU A 84 -2.88 13.68 -11.00
N GLU A 85 -2.70 14.47 -12.06
CA GLU A 85 -3.55 15.62 -12.40
C GLU A 85 -4.01 15.44 -13.85
N ILE A 86 -5.16 14.81 -14.04
CA ILE A 86 -5.67 14.46 -15.36
C ILE A 86 -6.97 15.23 -15.60
N LYS A 87 -7.02 15.96 -16.71
CA LYS A 87 -8.22 16.64 -17.17
C LYS A 87 -8.68 16.04 -18.50
N LYS A 88 -9.96 16.22 -18.81
CA LYS A 88 -10.44 15.92 -20.16
C LYS A 88 -10.01 17.03 -21.10
N PRO A 89 -10.04 16.79 -22.42
CA PRO A 89 -9.63 17.86 -23.36
C PRO A 89 -10.42 19.15 -23.22
N ASP A 90 -11.59 19.12 -22.58
CA ASP A 90 -12.35 20.34 -22.33
C ASP A 90 -12.03 20.98 -20.98
N GLY A 91 -10.99 20.53 -20.28
CA GLY A 91 -10.55 21.13 -19.03
C GLY A 91 -11.27 20.66 -17.78
N SER A 92 -12.33 19.86 -17.90
CA SER A 92 -12.98 19.32 -16.72
C SER A 92 -12.09 18.26 -16.08
N GLU A 93 -12.12 18.22 -14.75
CA GLU A 93 -11.25 17.31 -14.01
C GLU A 93 -11.72 15.88 -14.18
N CYS A 94 -10.76 14.95 -14.20
CA CYS A 94 -11.06 13.54 -14.31
C CYS A 94 -11.11 12.82 -12.97
N LEU A 95 -10.31 13.26 -12.01
CA LEU A 95 -10.26 12.62 -10.70
C LEU A 95 -10.89 13.53 -9.64
N PRO A 96 -11.47 12.96 -8.59
CA PRO A 96 -12.09 13.80 -7.55
C PRO A 96 -11.06 14.33 -6.57
N ALA A 97 -11.39 15.47 -5.96
CA ALA A 97 -10.56 15.98 -4.87
C ALA A 97 -10.48 14.95 -3.74
N ALA A 98 -9.34 14.95 -3.06
CA ALA A 98 -9.14 14.06 -1.92
C ALA A 98 -10.15 14.36 -0.81
N PRO A 99 -10.94 13.37 -0.37
CA PRO A 99 -11.83 13.59 0.77
C PRO A 99 -11.11 14.12 2.01
N ASP A 100 -11.85 14.79 2.91
CA ASP A 100 -11.27 15.28 4.15
C ASP A 100 -10.60 14.15 4.93
N GLY A 101 -9.36 14.35 5.33
CA GLY A 101 -8.65 13.37 6.13
C GLY A 101 -7.87 12.34 5.34
N ILE A 102 -7.79 12.48 4.03
CA ILE A 102 -7.00 11.59 3.18
C ILE A 102 -5.79 12.36 2.68
N ARG A 103 -4.61 11.92 3.08
CA ARG A 103 -3.34 12.53 2.73
C ARG A 103 -2.52 11.53 1.93
N GLY A 104 -1.44 12.03 1.34
CA GLY A 104 -0.60 11.19 0.52
C GLY A 104 0.16 10.15 1.32
N PHE A 105 0.53 9.08 0.62
CA PHE A 105 1.38 8.03 1.17
C PHE A 105 2.62 8.64 1.81
N PRO A 106 3.00 8.21 3.02
CA PRO A 106 3.95 8.99 3.81
C PRO A 106 5.43 8.79 3.48
N ARG A 107 5.81 7.72 2.79
CA ARG A 107 7.22 7.45 2.52
C ARG A 107 7.38 7.04 1.06
N CYS A 108 7.94 7.95 0.25
CA CYS A 108 8.11 7.73 -1.17
C CYS A 108 9.48 8.23 -1.59
N ARG A 109 10.32 7.34 -2.10
CA ARG A 109 11.62 7.78 -2.59
C ARG A 109 11.47 8.67 -3.83
N TYR A 110 10.60 8.26 -4.76
CA TYR A 110 10.34 9.01 -5.98
C TYR A 110 8.83 9.15 -6.14
N VAL A 111 8.37 10.38 -6.33
CA VAL A 111 6.98 10.67 -6.64
C VAL A 111 6.91 11.01 -8.12
N HIS A 112 6.19 10.18 -8.88
CA HIS A 112 6.00 10.38 -10.31
C HIS A 112 4.73 11.22 -10.49
N LYS A 113 4.89 12.52 -10.66
CA LYS A 113 3.76 13.42 -10.80
C LYS A 113 3.43 13.52 -12.28
N VAL A 114 2.25 13.03 -12.67
CA VAL A 114 1.83 12.98 -14.06
C VAL A 114 0.70 13.99 -14.27
N SER A 115 0.87 14.86 -15.26
CA SER A 115 -0.12 15.85 -15.64
C SER A 115 -0.42 15.67 -17.12
N GLY A 116 -1.70 15.70 -17.48
CA GLY A 116 -2.04 15.62 -18.88
C GLY A 116 -3.54 15.47 -19.09
N THR A 117 -3.88 14.90 -20.23
CA THR A 117 -5.27 14.79 -20.65
C THR A 117 -5.57 13.38 -21.14
N GLY A 118 -6.85 13.04 -21.11
CA GLY A 118 -7.34 11.75 -21.54
C GLY A 118 -8.85 11.78 -21.66
N PRO A 119 -9.44 10.74 -22.26
CA PRO A 119 -10.91 10.73 -22.40
C PRO A 119 -11.63 10.55 -21.08
N CYS A 120 -11.07 9.79 -20.14
CA CYS A 120 -11.64 9.62 -18.80
C CYS A 120 -13.10 9.14 -18.88
N ALA A 121 -13.29 7.99 -19.52
CA ALA A 121 -14.64 7.46 -19.73
C ALA A 121 -15.08 6.66 -18.50
N GLY A 122 -15.40 7.40 -17.44
CA GLY A 122 -15.83 6.79 -16.19
C GLY A 122 -15.74 7.75 -15.02
N ASP A 123 -16.64 7.58 -14.05
CA ASP A 123 -16.70 8.52 -12.92
C ASP A 123 -15.50 8.39 -12.01
N PHE A 124 -14.92 7.20 -11.88
CA PHE A 124 -13.80 6.98 -10.97
C PHE A 124 -12.80 6.06 -11.63
N ALA A 125 -11.55 6.13 -11.14
CA ALA A 125 -10.44 5.37 -11.69
C ALA A 125 -10.07 4.27 -10.71
N PHE A 126 -10.14 3.02 -11.16
CA PHE A 126 -9.93 1.85 -10.33
C PHE A 126 -8.67 1.11 -10.75
N HIS A 127 -8.24 0.18 -9.89
CA HIS A 127 -7.11 -0.68 -10.21
C HIS A 127 -7.63 -1.91 -10.95
N LYS A 128 -7.09 -2.15 -12.16
CA LYS A 128 -7.62 -3.22 -13.00
C LYS A 128 -7.33 -4.61 -12.44
N GLU A 129 -6.33 -4.74 -11.58
CA GLU A 129 -6.00 -6.04 -10.99
C GLU A 129 -6.63 -6.22 -9.61
N GLY A 130 -7.44 -5.27 -9.16
CA GLY A 130 -8.10 -5.39 -7.88
C GLY A 130 -7.29 -4.88 -6.71
N ALA A 131 -6.08 -4.38 -6.94
CA ALA A 131 -5.26 -3.88 -5.86
C ALA A 131 -5.84 -2.56 -5.33
N PHE A 132 -5.20 -2.01 -4.30
CA PHE A 132 -5.66 -0.76 -3.71
C PHE A 132 -4.70 0.37 -4.04
N PHE A 133 -5.18 1.59 -3.88
CA PHE A 133 -4.34 2.78 -3.88
C PHE A 133 -4.10 3.16 -2.42
N LEU A 134 -2.85 3.06 -1.99
CA LEU A 134 -2.50 3.26 -0.58
C LEU A 134 -2.17 4.73 -0.34
N TYR A 135 -2.88 5.34 0.59
CA TYR A 135 -2.66 6.71 1.03
C TYR A 135 -2.14 6.68 2.47
N ASP A 136 -2.16 7.82 3.13
CA ASP A 136 -1.72 7.88 4.53
C ASP A 136 -2.64 7.07 5.44
N ARG A 137 -2.33 5.80 5.63
CA ARG A 137 -3.04 4.87 6.52
C ARG A 137 -4.48 4.60 6.08
N LEU A 138 -4.86 5.02 4.87
CA LEU A 138 -6.15 4.67 4.28
C LEU A 138 -5.91 4.11 2.90
N ALA A 139 -6.62 3.02 2.59
CA ALA A 139 -6.55 2.35 1.30
C ALA A 139 -7.86 2.59 0.56
N SER A 140 -7.77 3.00 -0.69
CA SER A 140 -8.96 3.31 -1.46
C SER A 140 -9.02 2.43 -2.70
N THR A 141 -10.24 2.18 -3.17
CA THR A 141 -10.42 1.52 -4.45
C THR A 141 -10.25 2.47 -5.63
N VAL A 142 -10.15 3.80 -5.41
CA VAL A 142 -10.06 4.76 -6.51
C VAL A 142 -8.92 5.74 -6.29
N ILE A 143 -8.51 6.38 -7.39
CA ILE A 143 -7.45 7.38 -7.38
C ILE A 143 -8.05 8.76 -7.10
N TYR A 144 -7.43 9.50 -6.18
CA TYR A 144 -7.81 10.88 -5.91
C TYR A 144 -6.86 11.86 -6.61
N ARG A 145 -7.39 13.04 -6.91
CA ARG A 145 -6.66 14.00 -7.71
C ARG A 145 -5.51 14.62 -6.91
N GLY A 146 -4.32 14.65 -7.51
CA GLY A 146 -3.19 15.34 -6.93
C GLY A 146 -2.76 14.81 -5.58
N THR A 147 -3.06 13.56 -5.27
CA THR A 147 -2.74 12.94 -3.99
C THR A 147 -1.80 11.78 -4.22
N THR A 148 -0.67 11.78 -3.51
CA THR A 148 0.37 10.78 -3.71
C THR A 148 -0.07 9.42 -3.15
N PHE A 149 0.14 8.36 -3.93
CA PHE A 149 -0.30 7.01 -3.54
C PHE A 149 0.70 5.96 -4.01
N ALA A 150 0.74 4.85 -3.29
CA ALA A 150 1.46 3.66 -3.68
C ALA A 150 0.46 2.55 -3.98
N GLU A 151 0.77 1.72 -4.97
CA GLU A 151 -0.05 0.55 -5.25
C GLU A 151 0.23 -0.54 -4.21
N GLY A 152 -0.82 -1.10 -3.64
CA GLY A 152 -0.57 -2.12 -2.62
C GLY A 152 -1.81 -2.92 -2.28
N VAL A 153 -1.62 -3.82 -1.31
CA VAL A 153 -2.64 -4.75 -0.82
C VAL A 153 -2.52 -4.86 0.69
N VAL A 154 -3.63 -5.26 1.34
CA VAL A 154 -3.74 -5.21 2.80
C VAL A 154 -3.78 -6.63 3.38
N ALA A 155 -3.16 -6.78 4.55
CA ALA A 155 -3.20 -8.02 5.32
C ALA A 155 -3.65 -7.72 6.75
N PHE A 156 -4.22 -8.73 7.40
CA PHE A 156 -4.62 -8.67 8.79
C PHE A 156 -3.93 -9.78 9.58
N LEU A 157 -3.49 -9.45 10.80
CA LEU A 157 -2.55 -10.28 11.53
C LEU A 157 -2.93 -10.40 13.00
N ILE A 158 -2.59 -11.55 13.58
CA ILE A 158 -2.50 -11.73 15.02
C ILE A 158 -1.02 -11.81 15.35
N LEU A 159 -0.49 -10.78 15.99
CA LEU A 159 0.88 -10.86 16.50
C LEU A 159 0.96 -11.82 17.69
N PRO A 160 2.03 -12.61 17.80
CA PRO A 160 2.23 -13.40 19.02
C PRO A 160 2.51 -12.51 20.22
N GLN A 161 1.98 -12.89 21.38
CA GLN A 161 2.14 -12.10 22.59
C GLN A 161 3.61 -12.02 22.99
N ALA A 162 4.01 -10.86 23.51
CA ALA A 162 5.39 -10.64 23.94
C ALA A 162 5.48 -10.67 25.48
N GLY A 185 18.08 9.06 6.82
CA GLY A 185 16.80 9.71 7.02
C GLY A 185 15.80 9.41 5.93
N TYR A 186 14.98 10.40 5.58
CA TYR A 186 13.94 10.26 4.57
C TYR A 186 14.04 11.40 3.56
N TYR A 187 14.28 11.05 2.31
CA TYR A 187 14.33 12.01 1.22
C TYR A 187 13.35 11.59 0.13
N SER A 188 12.70 12.56 -0.49
CA SER A 188 11.75 12.30 -1.55
C SER A 188 12.03 13.24 -2.71
N THR A 189 11.82 12.74 -3.92
CA THR A 189 12.13 13.48 -5.14
C THR A 189 10.97 13.37 -6.12
N THR A 190 10.54 14.52 -6.64
CA THR A 190 9.40 14.59 -7.55
C THR A 190 9.89 14.59 -8.99
N ILE A 191 9.32 13.71 -9.80
CA ILE A 191 9.62 13.61 -11.23
C ILE A 191 8.34 13.91 -11.98
N ARG A 192 8.37 14.95 -12.81
CA ARG A 192 7.18 15.44 -13.49
C ARG A 192 7.12 14.89 -14.91
N TYR A 193 5.90 14.51 -15.33
CA TYR A 193 5.65 14.02 -16.67
C TYR A 193 4.44 14.74 -17.25
N GLN A 194 4.47 14.99 -18.56
CA GLN A 194 3.28 15.36 -19.31
C GLN A 194 2.77 14.15 -20.05
N ALA A 195 1.44 14.03 -20.16
CA ALA A 195 0.80 12.89 -20.77
C ALA A 195 -0.31 13.36 -21.70
N THR A 196 -0.47 12.67 -22.82
CA THR A 196 -1.63 12.85 -23.67
C THR A 196 -2.26 11.48 -23.92
N GLY A 197 -3.57 11.48 -24.14
CA GLY A 197 -4.31 10.24 -24.30
C GLY A 197 -4.13 9.33 -23.12
N PHE A 198 -4.26 9.87 -21.91
CA PHE A 198 -4.06 9.10 -20.69
C PHE A 198 -5.11 8.01 -20.56
N GLY A 199 -4.66 6.79 -20.26
CA GLY A 199 -5.58 5.68 -20.09
C GLY A 199 -6.15 5.13 -21.37
N THR A 200 -5.34 4.98 -22.41
CA THR A 200 -5.79 4.42 -23.68
C THR A 200 -4.72 3.47 -24.19
N ASN A 201 -4.95 2.96 -25.41
CA ASN A 201 -3.97 2.09 -26.05
C ASN A 201 -2.71 2.85 -26.43
N GLU A 202 -2.86 4.11 -26.87
CA GLU A 202 -1.76 4.92 -27.40
C GLU A 202 -1.60 6.18 -26.56
N THR A 203 -1.06 6.02 -25.36
CA THR A 203 -0.70 7.13 -24.49
C THR A 203 0.72 7.57 -24.78
N GLU A 204 0.93 8.88 -24.87
CA GLU A 204 2.26 9.45 -25.05
C GLU A 204 2.71 10.13 -23.75
N TYR A 205 3.97 9.91 -23.38
CA TYR A 205 4.55 10.46 -22.17
C TYR A 205 5.82 11.23 -22.48
N LEU A 206 5.95 12.40 -21.86
CA LEU A 206 7.16 13.21 -21.92
C LEU A 206 7.65 13.47 -20.50
N PHE A 207 8.93 13.21 -20.26
CA PHE A 207 9.55 13.61 -19.00
C PHE A 207 9.96 15.08 -19.06
N GLU A 208 9.73 15.81 -17.97
CA GLU A 208 9.85 17.26 -17.95
C GLU A 208 11.16 17.70 -17.30
N VAL A 209 11.98 18.43 -18.05
CA VAL A 209 13.23 18.98 -17.55
C VAL A 209 12.96 20.38 -16.99
N ASP A 210 12.41 21.26 -17.81
CA ASP A 210 11.77 22.49 -17.34
C ASP A 210 10.48 22.67 -18.15
N ASN A 211 9.82 23.81 -17.97
CA ASN A 211 8.55 24.03 -18.64
C ASN A 211 8.66 24.08 -20.17
N LEU A 212 9.87 24.08 -20.73
CA LEU A 212 10.02 24.10 -22.18
C LEU A 212 10.97 23.03 -22.71
N THR A 213 11.33 22.03 -21.91
CA THR A 213 12.26 21.00 -22.36
C THR A 213 11.78 19.66 -21.83
N TYR A 214 11.54 18.72 -22.74
CA TYR A 214 11.00 17.40 -22.41
C TYR A 214 11.84 16.32 -23.07
N VAL A 215 11.68 15.10 -22.56
CA VAL A 215 12.35 13.93 -23.11
C VAL A 215 11.29 12.87 -23.41
N GLN A 216 11.33 12.32 -24.62
CA GLN A 216 10.40 11.26 -24.99
C GLN A 216 10.61 10.06 -24.07
N LEU A 217 9.54 9.61 -23.42
CA LEU A 217 9.66 8.67 -22.31
C LEU A 217 9.53 7.22 -22.79
N GLU A 218 10.45 6.38 -22.31
CA GLU A 218 10.42 4.95 -22.56
C GLU A 218 10.20 4.19 -21.26
N SER A 219 9.69 2.96 -21.38
CA SER A 219 9.45 2.13 -20.20
C SER A 219 10.76 1.77 -19.50
N ARG A 220 11.84 1.65 -20.26
CA ARG A 220 13.12 1.22 -19.73
C ARG A 220 13.85 2.28 -18.93
N PHE A 221 13.36 3.52 -18.91
CA PHE A 221 14.03 4.60 -18.18
C PHE A 221 13.70 4.49 -16.69
N THR A 222 14.72 4.25 -15.88
CA THR A 222 14.56 4.18 -14.43
C THR A 222 14.56 5.58 -13.81
N PRO A 223 14.07 5.70 -12.57
CA PRO A 223 14.16 7.00 -11.87
C PRO A 223 15.58 7.56 -11.80
N GLN A 224 16.57 6.73 -11.46
CA GLN A 224 17.95 7.22 -11.37
C GLN A 224 18.43 7.74 -12.72
N PHE A 225 18.03 7.09 -13.81
CA PHE A 225 18.45 7.53 -15.13
C PHE A 225 17.79 8.85 -15.53
N LEU A 226 16.54 9.06 -15.10
CA LEU A 226 15.87 10.32 -15.44
C LEU A 226 16.53 11.49 -14.72
N LEU A 227 16.99 11.29 -13.48
CA LEU A 227 17.61 12.39 -12.74
C LEU A 227 18.98 12.73 -13.31
N GLN A 228 19.76 11.71 -13.73
CA GLN A 228 21.06 11.97 -14.35
C GLN A 228 20.89 12.59 -15.74
N LEU A 229 19.82 12.21 -16.45
CA LEU A 229 19.50 12.84 -17.73
C LEU A 229 19.14 14.30 -17.54
N ASN A 230 18.42 14.62 -16.46
CA ASN A 230 18.06 16.00 -16.19
C ASN A 230 19.27 16.85 -15.83
N GLU A 231 20.16 16.31 -14.98
CA GLU A 231 21.34 17.09 -14.58
C GLU A 231 22.29 17.30 -15.75
N THR A 232 22.53 16.26 -16.55
CA THR A 232 23.42 16.42 -17.70
C THR A 232 22.84 17.39 -18.72
N ILE A 233 21.52 17.46 -18.85
CA ILE A 233 20.92 18.44 -19.75
C ILE A 233 21.12 19.85 -19.21
N TYR A 234 20.93 20.04 -17.91
CA TYR A 234 21.10 21.36 -17.30
C TYR A 234 22.54 21.86 -17.41
N THR A 235 23.52 20.96 -17.22
CA THR A 235 24.92 21.35 -17.22
C THR A 235 25.55 21.32 -18.61
N SER A 236 24.87 20.76 -19.61
CA SER A 236 25.35 20.79 -21.00
C SER A 236 24.73 21.91 -21.81
N GLY A 237 23.82 22.69 -21.23
CA GLY A 237 23.14 23.74 -21.95
C GLY A 237 22.10 23.28 -22.95
N LYS A 238 21.70 22.01 -22.89
CA LYS A 238 20.71 21.47 -23.81
C LYS A 238 19.27 21.86 -23.45
N ARG A 239 19.10 22.91 -22.65
CA ARG A 239 17.77 23.45 -22.38
C ARG A 239 17.35 24.38 -23.51
N SER A 240 16.05 24.54 -23.65
CA SER A 240 15.50 25.43 -24.67
C SER A 240 15.85 26.88 -24.33
N ASN A 241 16.55 27.56 -25.23
CA ASN A 241 16.80 28.99 -25.09
C ASN A 241 15.98 29.81 -26.08
N THR A 242 14.78 29.33 -26.42
CA THR A 242 13.78 30.14 -27.09
C THR A 242 12.53 30.16 -26.24
N THR A 243 11.40 30.56 -26.83
CA THR A 243 10.12 30.55 -26.15
C THR A 243 9.29 29.32 -26.48
N GLY A 244 9.81 28.43 -27.34
CA GLY A 244 9.07 27.26 -27.78
C GLY A 244 9.53 25.96 -27.11
N LYS A 245 8.81 24.90 -27.43
CA LYS A 245 9.06 23.59 -26.83
C LYS A 245 10.26 22.91 -27.47
N LEU A 246 11.11 22.34 -26.63
CA LEU A 246 12.20 21.48 -27.08
C LEU A 246 11.97 20.08 -26.52
N ILE A 247 12.03 19.07 -27.39
CA ILE A 247 11.79 17.69 -27.02
C ILE A 247 12.95 16.86 -27.53
N TRP A 248 13.55 16.07 -26.63
CA TRP A 248 14.66 15.21 -26.99
C TRP A 248 14.21 13.76 -27.09
N LYS A 249 14.99 12.97 -27.83
CA LYS A 249 14.77 11.53 -27.93
C LYS A 249 16.11 10.83 -27.68
N VAL A 250 16.16 10.03 -26.63
CA VAL A 250 17.40 9.35 -26.23
C VAL A 250 17.68 8.19 -27.19
N ASN A 251 18.96 8.04 -27.55
CA ASN A 251 19.36 6.94 -28.43
C ASN A 251 19.08 5.61 -27.74
N PRO A 252 18.85 4.55 -28.52
CA PRO A 252 18.57 3.24 -27.90
C PRO A 252 19.71 2.73 -27.03
N GLU A 253 20.93 3.19 -27.26
CA GLU A 253 22.07 2.82 -26.41
C GLU A 253 21.96 3.47 -25.04
N GLU A 260 16.40 -6.32 -15.88
CA GLU A 260 15.94 -7.63 -15.42
C GLU A 260 16.21 -7.83 -13.93
N TRP A 261 16.46 -6.73 -13.23
CA TRP A 261 16.71 -6.74 -11.79
C TRP A 261 15.87 -5.67 -11.11
N ALA A 262 15.25 -6.04 -9.99
CA ALA A 262 14.32 -5.17 -9.27
C ALA A 262 15.08 -4.08 -8.52
N PHE A 263 14.33 -3.15 -7.90
CA PHE A 263 14.95 -1.97 -7.31
C PHE A 263 15.73 -2.27 -6.02
N TRP A 264 15.47 -3.42 -5.38
CA TRP A 264 16.16 -3.76 -4.14
C TRP A 264 17.35 -4.68 -4.36
N GLU A 265 17.71 -4.95 -5.61
CA GLU A 265 18.81 -5.86 -5.92
C GLU A 265 19.62 -5.35 -7.12
N UNK A 286 11.84 18.54 -32.07
CA UNK A 286 12.44 17.25 -31.78
C UNK A 286 13.96 17.27 -31.97
N UNK A 287 14.62 16.22 -31.48
CA UNK A 287 16.08 16.11 -31.55
C UNK A 287 16.51 14.76 -30.96
N UNK A 288 17.80 14.46 -31.03
CA UNK A 288 18.30 13.19 -30.53
C UNK A 288 19.54 13.40 -29.65
N UNK A 289 19.87 12.38 -28.86
CA UNK A 289 21.04 12.43 -28.00
C UNK A 289 21.67 11.05 -27.94
N UNK A 290 22.92 10.94 -28.39
CA UNK A 290 23.61 9.65 -28.42
C UNK A 290 24.86 9.67 -27.57
N GLU B 1 -4.74 -22.97 6.32
CA GLU B 1 -3.98 -23.21 5.10
C GLU B 1 -2.55 -22.66 5.24
N ALA B 2 -1.61 -23.23 4.49
CA ALA B 2 -0.25 -22.72 4.46
C ALA B 2 -0.11 -21.64 3.39
N ILE B 3 0.90 -20.79 3.57
CA ILE B 3 1.10 -19.62 2.72
C ILE B 3 2.11 -19.97 1.64
N VAL B 4 1.66 -20.04 0.40
CA VAL B 4 2.50 -20.39 -0.75
C VAL B 4 2.74 -19.11 -1.54
N ASN B 5 3.93 -18.53 -1.44
CA ASN B 5 4.25 -17.35 -2.23
C ASN B 5 4.34 -17.70 -3.71
N ALA B 6 3.48 -17.07 -4.53
CA ALA B 6 3.39 -17.34 -5.96
C ALA B 6 3.57 -16.07 -6.77
N GLN B 7 4.40 -15.14 -6.27
CA GLN B 7 4.69 -13.87 -6.91
C GLN B 7 5.96 -13.99 -7.75
N PRO B 8 6.13 -13.12 -8.75
CA PRO B 8 7.36 -13.18 -9.57
C PRO B 8 8.63 -12.91 -8.77
N LYS B 9 8.57 -12.02 -7.79
CA LYS B 9 9.72 -11.73 -6.94
C LYS B 9 9.24 -11.46 -5.53
N CYS B 10 10.19 -11.34 -4.61
CA CYS B 10 9.91 -11.03 -3.22
C CYS B 10 11.04 -10.13 -2.71
N ASN B 11 10.68 -8.94 -2.23
CA ASN B 11 11.63 -8.17 -1.46
C ASN B 11 11.66 -8.76 -0.05
N PRO B 12 12.70 -9.52 0.31
CA PRO B 12 12.67 -10.22 1.60
C PRO B 12 12.84 -9.30 2.80
N ASN B 13 13.26 -8.05 2.58
CA ASN B 13 13.43 -7.09 3.65
C ASN B 13 12.27 -6.12 3.64
N LEU B 14 11.72 -5.86 4.82
CA LEU B 14 10.54 -5.01 4.97
C LEU B 14 10.96 -3.77 5.75
N HIS B 15 11.19 -2.69 5.02
CA HIS B 15 11.42 -1.39 5.61
C HIS B 15 10.05 -0.76 5.82
N TYR B 16 9.63 -0.63 7.08
CA TYR B 16 8.25 -0.27 7.36
C TYR B 16 8.15 1.06 8.10
N TRP B 17 6.94 1.62 8.06
CA TRP B 17 6.58 2.81 8.81
C TRP B 17 5.24 2.57 9.49
N THR B 18 5.06 3.20 10.65
CA THR B 18 3.81 3.11 11.39
C THR B 18 3.78 4.23 12.42
N THR B 19 2.75 4.23 13.27
CA THR B 19 2.62 5.14 14.40
C THR B 19 2.63 4.34 15.70
N GLN B 20 2.78 5.04 16.83
CA GLN B 20 2.69 4.42 18.14
C GLN B 20 1.64 5.16 18.95
N ASP B 21 0.65 4.43 19.46
CA ASP B 21 -0.37 5.05 20.29
C ASP B 21 0.13 5.30 21.71
N GLU B 22 1.01 4.44 22.22
CA GLU B 22 1.43 4.50 23.62
C GLU B 22 2.47 5.60 23.86
N GLY B 23 3.39 5.78 22.92
CA GLY B 23 4.56 6.64 23.02
C GLY B 23 4.55 7.74 24.07
N ALA B 24 5.15 7.48 25.23
CA ALA B 24 5.24 8.46 26.30
C ALA B 24 6.07 9.66 25.87
N ALA B 25 5.41 10.79 25.61
CA ALA B 25 6.07 11.94 25.02
C ALA B 25 7.05 12.60 26.01
N ILE B 26 7.98 13.37 25.45
CA ILE B 26 8.97 14.09 26.24
C ILE B 26 8.41 15.49 26.49
N GLY B 27 8.14 15.81 27.75
CA GLY B 27 7.57 17.09 28.11
C GLY B 27 6.22 17.41 27.52
N LEU B 28 6.17 18.42 26.65
CA LEU B 28 4.91 18.95 26.14
C LEU B 28 4.66 18.60 24.67
N ALA B 29 5.37 17.62 24.14
CA ALA B 29 5.22 17.28 22.72
C ALA B 29 3.87 16.62 22.42
N TRP B 30 3.11 16.17 23.42
CA TRP B 30 1.82 15.55 23.18
C TRP B 30 0.74 16.57 22.87
N ILE B 31 0.93 17.83 23.26
CA ILE B 31 -0.01 18.91 22.97
C ILE B 31 -0.06 19.13 21.47
N PRO B 32 -1.23 19.02 20.83
CA PRO B 32 -1.28 19.17 19.36
C PRO B 32 -0.70 20.49 18.88
N TYR B 33 -0.93 21.56 19.64
CA TYR B 33 -0.43 22.89 19.25
C TYR B 33 1.11 22.92 19.19
N PHE B 34 1.79 22.17 20.06
CA PHE B 34 3.24 22.16 20.10
C PHE B 34 3.87 20.97 19.38
N GLY B 35 3.09 19.94 19.03
CA GLY B 35 3.65 18.70 18.59
C GLY B 35 3.95 18.67 17.10
N PRO B 36 4.38 17.50 16.62
CA PRO B 36 4.76 17.38 15.22
C PRO B 36 3.59 17.55 14.26
N ALA B 37 3.92 18.00 13.05
CA ALA B 37 2.95 18.08 11.96
C ALA B 37 2.62 16.68 11.43
N ALA B 38 1.62 16.62 10.55
CA ALA B 38 1.18 15.34 10.01
C ALA B 38 2.33 14.51 9.44
N GLU B 39 3.34 15.18 8.87
CA GLU B 39 4.44 14.46 8.23
C GLU B 39 5.40 13.83 9.22
N GLY B 40 5.36 14.22 10.49
CA GLY B 40 6.38 13.79 11.44
C GLY B 40 5.88 12.97 12.61
N ILE B 41 4.83 12.16 12.40
CA ILE B 41 4.26 11.34 13.45
C ILE B 41 4.67 9.87 13.31
N TYR B 42 5.54 9.54 12.36
CA TYR B 42 5.81 8.15 12.01
C TYR B 42 7.05 7.63 12.70
N ILE B 43 7.05 6.33 12.97
CA ILE B 43 8.25 5.61 13.40
C ILE B 43 8.60 4.63 12.30
N GLU B 44 9.86 4.18 12.31
CA GLU B 44 10.32 3.25 11.28
C GLU B 44 10.99 2.04 11.90
N GLY B 45 11.04 0.97 11.10
CA GLY B 45 11.71 -0.25 11.51
C GLY B 45 12.10 -1.04 10.28
N LEU B 46 12.91 -2.07 10.52
CA LEU B 46 13.36 -2.96 9.45
C LEU B 46 13.24 -4.40 9.94
N MET B 47 12.62 -5.24 9.13
CA MET B 47 12.34 -6.64 9.47
C MET B 47 12.84 -7.51 8.34
N HIS B 48 13.63 -8.54 8.67
CA HIS B 48 14.18 -9.43 7.67
C HIS B 48 13.31 -10.67 7.54
N ASN B 49 13.72 -11.58 6.64
CA ASN B 49 12.89 -12.72 6.25
C ASN B 49 13.08 -13.95 7.15
N GLN B 50 13.34 -13.75 8.44
CA GLN B 50 13.41 -14.88 9.35
C GLN B 50 12.07 -15.62 9.37
N ASP B 51 12.13 -16.95 9.33
CA ASP B 51 10.97 -17.82 9.18
C ASP B 51 10.20 -17.53 7.89
N GLY B 52 10.83 -16.88 6.92
CA GLY B 52 10.13 -16.48 5.71
C GLY B 52 8.91 -15.61 5.95
N LEU B 53 8.88 -14.89 7.07
CA LEU B 53 7.70 -14.11 7.42
CA LEU B 53 7.69 -14.11 7.42
C LEU B 53 7.39 -13.03 6.39
N ILE B 54 8.43 -12.35 5.89
CA ILE B 54 8.20 -11.22 4.98
C ILE B 54 7.59 -11.70 3.67
N CYS B 55 8.14 -12.76 3.07
CA CYS B 55 7.57 -13.23 1.81
C CYS B 55 6.18 -13.82 2.02
N GLY B 56 5.90 -14.39 3.19
CA GLY B 56 4.54 -14.84 3.48
C GLY B 56 3.56 -13.69 3.56
N LEU B 57 3.96 -12.59 4.22
CA LEU B 57 3.11 -11.41 4.32
C LEU B 57 2.78 -10.84 2.95
N ARG B 58 3.76 -10.76 2.04
CA ARG B 58 3.44 -10.29 0.69
C ARG B 58 2.42 -11.21 0.04
N GLN B 59 2.55 -12.52 0.26
CA GLN B 59 1.60 -13.46 -0.30
C GLN B 59 0.27 -13.42 0.43
N LEU B 60 0.29 -13.18 1.75
CA LEU B 60 -0.96 -13.13 2.50
C LEU B 60 -1.81 -11.94 2.08
N ALA B 61 -1.20 -10.75 1.98
CA ALA B 61 -1.96 -9.57 1.56
C ALA B 61 -2.55 -9.75 0.17
N ASN B 62 -1.80 -10.39 -0.74
CA ASN B 62 -2.31 -10.65 -2.08
C ASN B 62 -3.56 -11.53 -2.03
N GLU B 63 -3.51 -12.60 -1.22
CA GLU B 63 -4.65 -13.51 -1.14
C GLU B 63 -5.83 -12.92 -0.35
N THR B 64 -5.58 -11.87 0.43
CA THR B 64 -6.63 -11.23 1.21
C THR B 64 -7.53 -10.36 0.34
N THR B 65 -7.06 -9.95 -0.85
CA THR B 65 -7.71 -8.88 -1.58
C THR B 65 -9.14 -9.25 -1.97
N GLN B 66 -9.32 -10.47 -2.49
CA GLN B 66 -10.64 -10.87 -2.98
C GLN B 66 -11.70 -10.78 -1.89
N ALA B 67 -11.47 -11.47 -0.77
CA ALA B 67 -12.42 -11.40 0.34
C ALA B 67 -12.62 -9.96 0.79
N LEU B 68 -11.54 -9.19 0.91
CA LEU B 68 -11.64 -7.82 1.38
C LEU B 68 -12.49 -6.99 0.43
N GLN B 69 -12.22 -7.08 -0.88
CA GLN B 69 -13.00 -6.34 -1.86
C GLN B 69 -14.48 -6.71 -1.83
N LEU B 70 -14.79 -8.00 -1.69
CA LEU B 70 -16.19 -8.42 -1.57
C LEU B 70 -16.83 -7.89 -0.29
N PHE B 71 -16.05 -7.74 0.78
CA PHE B 71 -16.59 -7.16 2.00
C PHE B 71 -16.87 -5.67 1.82
N LEU B 72 -15.99 -4.96 1.11
CA LEU B 72 -16.20 -3.54 0.89
C LEU B 72 -17.36 -3.29 -0.06
N ARG B 73 -17.56 -4.17 -1.04
CA ARG B 73 -18.69 -4.00 -1.95
C ARG B 73 -20.02 -4.07 -1.20
N ALA B 74 -20.10 -4.92 -0.18
CA ALA B 74 -21.36 -5.19 0.50
C ALA B 74 -21.62 -4.27 1.68
N THR B 75 -20.65 -3.43 2.06
CA THR B 75 -20.87 -2.45 3.11
C THR B 75 -21.27 -1.11 2.51
N THR B 76 -22.07 -0.36 3.25
CA THR B 76 -22.42 1.00 2.88
C THR B 76 -21.58 2.03 3.62
N GLU B 77 -20.76 1.59 4.58
CA GLU B 77 -19.85 2.49 5.27
C GLU B 77 -18.82 3.02 4.27
N LEU B 78 -18.65 4.34 4.23
CA LEU B 78 -17.70 4.93 3.28
C LEU B 78 -16.25 4.61 3.66
N ARG B 79 -15.91 4.72 4.95
CA ARG B 79 -14.58 4.36 5.44
C ARG B 79 -14.73 3.32 6.55
N THR B 80 -14.12 2.16 6.37
CA THR B 80 -14.24 1.04 7.30
C THR B 80 -13.07 1.02 8.27
N PHE B 81 -13.36 1.16 9.55
CA PHE B 81 -12.36 1.08 10.60
C PHE B 81 -12.57 -0.09 11.56
N SER B 82 -13.54 -0.97 11.32
CA SER B 82 -14.01 -1.90 12.35
C SER B 82 -13.65 -3.36 12.09
N ILE B 83 -12.81 -3.65 11.08
CA ILE B 83 -12.54 -5.04 10.75
C ILE B 83 -11.81 -5.74 11.89
N LEU B 84 -10.77 -5.13 12.44
CA LEU B 84 -10.02 -5.79 13.50
C LEU B 84 -10.84 -5.93 14.78
N ASN B 85 -11.67 -4.94 15.12
CA ASN B 85 -12.50 -5.13 16.31
C ASN B 85 -13.52 -6.24 16.11
N ARG B 86 -14.13 -6.31 14.92
CA ARG B 86 -15.06 -7.39 14.64
C ARG B 86 -14.36 -8.75 14.70
N LYS B 87 -13.09 -8.81 14.31
CA LYS B 87 -12.38 -10.08 14.42
C LYS B 87 -12.11 -10.44 15.88
N ALA B 88 -11.87 -9.45 16.74
CA ALA B 88 -11.69 -9.73 18.16
C ALA B 88 -12.97 -10.25 18.79
N ILE B 89 -14.11 -9.66 18.43
CA ILE B 89 -15.39 -10.15 18.94
C ILE B 89 -15.62 -11.58 18.47
N ASP B 90 -15.37 -11.85 17.18
CA ASP B 90 -15.55 -13.19 16.64
C ASP B 90 -14.63 -14.21 17.31
N PHE B 91 -13.44 -13.78 17.71
CA PHE B 91 -12.53 -14.67 18.45
C PHE B 91 -13.16 -15.08 19.79
N LEU B 92 -13.84 -14.15 20.45
CA LEU B 92 -14.45 -14.45 21.74
C LEU B 92 -15.73 -15.28 21.58
N LEU B 93 -16.55 -14.97 20.58
CA LEU B 93 -17.76 -15.75 20.37
C LEU B 93 -17.45 -17.20 19.97
N GLN B 94 -16.36 -17.42 19.22
CA GLN B 94 -15.99 -18.77 18.84
C GLN B 94 -15.67 -19.63 20.05
N ARG B 95 -15.22 -19.02 21.14
CA ARG B 95 -14.83 -19.71 22.35
C ARG B 95 -15.87 -19.63 23.45
N TRP B 96 -16.50 -18.47 23.62
CA TRP B 96 -17.35 -18.22 24.77
C TRP B 96 -18.80 -17.92 24.39
N GLY B 97 -19.17 -18.12 23.12
CA GLY B 97 -20.51 -17.85 22.68
C GLY B 97 -21.53 -18.93 22.95
N GLY B 98 -21.11 -20.03 23.57
CA GLY B 98 -22.03 -21.06 24.01
C GLY B 98 -21.64 -21.55 25.38
N THR B 99 -22.37 -22.55 25.85
CA THR B 99 -22.01 -23.18 27.13
C THR B 99 -20.68 -23.91 26.96
N CYS B 100 -19.79 -23.74 27.93
CA CYS B 100 -18.44 -24.29 27.85
C CYS B 100 -18.42 -25.67 28.51
N HIS B 101 -18.38 -26.72 27.70
CA HIS B 101 -18.38 -28.10 28.20
C HIS B 101 -16.93 -28.50 28.50
N ILE B 102 -16.59 -28.62 29.79
CA ILE B 102 -15.22 -28.86 30.19
C ILE B 102 -14.75 -30.23 29.67
N LEU B 103 -13.50 -30.27 29.23
CA LEU B 103 -12.83 -31.39 28.56
C LEU B 103 -13.34 -31.61 27.14
N GLY B 104 -14.34 -30.86 26.70
CA GLY B 104 -14.78 -30.90 25.32
C GLY B 104 -13.81 -30.14 24.43
N PRO B 105 -13.89 -30.37 23.11
CA PRO B 105 -12.94 -29.73 22.20
C PRO B 105 -13.21 -28.26 21.94
N ASP B 106 -14.45 -27.79 22.13
CA ASP B 106 -14.82 -26.41 21.84
C ASP B 106 -14.90 -25.55 23.09
N CYS B 107 -14.18 -25.93 24.15
CA CYS B 107 -14.16 -25.19 25.41
C CYS B 107 -12.73 -25.09 25.90
N CYS B 108 -12.22 -23.86 26.06
CA CYS B 108 -10.84 -23.64 26.47
C CYS B 108 -10.75 -23.39 27.97
N ILE B 109 -11.08 -24.42 28.73
CA ILE B 109 -10.97 -24.42 30.19
C ILE B 109 -10.05 -25.57 30.59
N GLU B 110 -9.09 -25.28 31.47
CA GLU B 110 -8.13 -26.27 31.96
C GLU B 110 -8.44 -26.64 33.40
N PRO B 111 -8.93 -27.85 33.68
CA PRO B 111 -9.18 -28.24 35.08
C PRO B 111 -8.01 -29.00 35.69
N ALA B 112 -6.79 -28.74 35.19
CA ALA B 112 -5.63 -29.52 35.62
C ALA B 112 -5.34 -29.30 37.10
N ASP B 113 -5.03 -28.06 37.49
CA ASP B 113 -4.71 -27.77 38.88
C ASP B 113 -5.91 -28.00 39.80
N TRP B 114 -7.14 -27.87 39.27
CA TRP B 114 -8.33 -28.18 40.06
C TRP B 114 -8.51 -29.68 40.25
N THR B 115 -8.16 -30.49 39.25
CA THR B 115 -8.27 -31.95 39.40
C THR B 115 -7.22 -32.50 40.35
N LYS B 116 -6.02 -31.88 40.39
CA LYS B 116 -4.99 -32.31 41.32
C LYS B 116 -5.26 -31.83 42.75
N ASN B 117 -5.85 -30.64 42.90
CA ASN B 117 -6.22 -30.16 44.22
C ASN B 117 -7.28 -31.05 44.86
N ILE B 118 -8.19 -31.60 44.05
CA ILE B 118 -9.21 -32.50 44.58
C ILE B 118 -8.59 -33.84 44.97
N THR B 119 -7.62 -34.32 44.17
CA THR B 119 -6.96 -35.58 44.49
C THR B 119 -6.18 -35.49 45.80
N ASP B 120 -5.57 -34.32 46.05
CA ASP B 120 -4.84 -34.13 47.31
C ASP B 120 -5.77 -34.14 48.51
N LYS B 121 -6.99 -33.64 48.35
CA LYS B 121 -7.98 -33.63 49.44
C LYS B 121 -8.57 -35.02 49.65
C1 NAG C . -1.94 -11.41 -6.67
C2 NAG C . -2.51 -10.27 -7.52
C3 NAG C . -2.87 -10.77 -8.91
C4 NAG C . -1.67 -11.45 -9.56
C5 NAG C . -1.16 -12.56 -8.65
C6 NAG C . 0.08 -13.24 -9.18
C7 NAG C . -3.68 -8.39 -6.46
C8 NAG C . -4.96 -7.91 -5.87
N2 NAG C . -3.66 -9.66 -6.89
O3 NAG C . -3.32 -9.66 -9.68
O4 NAG C . -2.05 -12.08 -10.79
O5 NAG C . -0.83 -12.01 -7.36
O6 NAG C . 1.24 -12.45 -8.98
O7 NAG C . -2.68 -7.67 -6.52
C1 NAG C . -1.99 -11.19 -11.94
C2 NAG C . -1.06 -11.71 -13.04
C3 NAG C . -1.15 -10.82 -14.28
C4 NAG C . -2.59 -10.64 -14.71
C5 NAG C . -3.43 -10.15 -13.54
C6 NAG C . -4.91 -10.06 -13.87
C7 NAG C . 0.97 -12.99 -12.53
C8 NAG C . 2.39 -12.93 -12.05
N2 NAG C . 0.31 -11.83 -12.59
O3 NAG C . -0.39 -11.41 -15.33
O4 NAG C . -2.67 -9.70 -15.78
O5 NAG C . -3.31 -11.05 -12.44
O6 NAG C . -5.70 -9.86 -12.70
O7 NAG C . 0.43 -14.05 -12.84
C1 BMA C . -3.26 -10.31 -16.96
C2 BMA C . -4.11 -9.23 -17.66
C3 BMA C . -4.70 -9.79 -18.97
C4 BMA C . -3.60 -10.42 -19.85
C5 BMA C . -2.81 -11.49 -19.04
C6 BMA C . -1.67 -12.10 -19.84
O2 BMA C . -3.29 -8.11 -18.03
O3 BMA C . -5.44 -8.82 -19.71
O4 BMA C . -4.18 -11.04 -20.99
O5 BMA C . -2.28 -10.87 -17.83
O6 BMA C . -0.47 -12.04 -19.07
C1 MAN C . 0.44 -11.08 -19.67
C2 MAN C . 1.11 -11.72 -20.92
C3 MAN C . 2.21 -12.73 -20.49
C4 MAN C . 3.15 -12.15 -19.42
C5 MAN C . 2.30 -11.65 -18.23
C6 MAN C . 3.15 -11.03 -17.13
O2 MAN C . 1.78 -10.74 -21.73
O3 MAN C . 2.97 -13.21 -21.61
O4 MAN C . 4.07 -13.13 -18.96
O5 MAN C . 1.40 -10.63 -18.72
O6 MAN C . 2.99 -11.85 -15.97
C1 NAG D . 17.24 19.08 -12.80
C2 NAG D . 16.50 18.97 -11.47
C3 NAG D . 16.42 20.34 -10.81
C4 NAG D . 17.81 20.91 -10.62
C5 NAG D . 18.56 20.95 -11.95
C6 NAG D . 20.00 21.36 -11.83
C7 NAG D . 14.75 17.32 -10.98
C8 NAG D . 13.36 16.85 -11.31
N2 NAG D . 15.17 18.40 -11.66
O3 NAG D . 15.75 20.24 -9.56
O4 NAG D . 17.75 22.21 -10.05
O5 NAG D . 18.54 19.65 -12.58
O6 NAG D . 20.48 21.19 -10.50
O7 NAG D . 15.44 16.76 -10.15
C1 NAG E . 6.38 26.18 -14.79
C2 NAG E . 6.64 27.45 -13.99
C3 NAG E . 5.88 27.42 -12.67
C4 NAG E . 4.41 27.15 -12.90
C5 NAG E . 4.24 25.87 -13.71
C6 NAG E . 2.80 25.56 -14.05
C7 NAG E . 8.78 28.60 -14.34
C8 NAG E . 10.23 28.64 -13.99
N2 NAG E . 8.06 27.64 -13.75
O3 NAG E . 6.05 28.67 -12.00
O4 NAG E . 3.72 27.03 -11.67
O5 NAG E . 4.95 25.99 -14.95
O6 NAG E . 2.44 26.00 -15.36
O7 NAG E . 8.27 29.39 -15.13
C1 NAG F . 21.14 27.34 -26.71
C2 NAG F . 22.30 26.84 -25.85
C3 NAG F . 23.23 25.97 -26.68
C4 NAG F . 22.46 24.86 -27.38
C5 NAG F . 21.28 25.43 -28.16
C6 NAG F . 20.38 24.36 -28.74
C7 NAG F . 23.81 27.84 -24.17
C8 NAG F . 24.47 29.10 -23.70
N2 NAG F . 23.02 27.95 -25.25
O3 NAG F . 24.23 25.41 -25.84
O4 NAG F . 23.31 24.17 -28.28
O5 NAG F . 20.45 26.23 -27.29
O6 NAG F . 19.52 23.82 -27.75
O7 NAG F . 23.99 26.76 -23.62
C1 NAG G . -6.73 0.92 -29.58
C2 NAG G . -6.16 -0.47 -29.80
C3 NAG G . -7.07 -1.20 -30.78
C4 NAG G . -8.53 -1.17 -30.30
C5 NAG G . -8.96 0.22 -29.80
C6 NAG G . -10.24 0.18 -29.01
C7 NAG G . -4.31 0.19 -31.32
C8 NAG G . -2.84 0.04 -31.58
N2 NAG G . -4.77 -0.47 -30.25
O3 NAG G . -6.64 -2.56 -30.92
O4 NAG G . -9.38 -1.52 -31.38
O5 NAG G . -7.97 0.82 -28.95
O6 NAG G . -9.99 0.28 -27.61
O7 NAG G . -5.04 0.86 -32.04
C1 EDO H . -14.85 13.17 -11.22
O1 EDO H . -15.53 12.16 -10.45
C2 EDO H . -14.81 14.46 -10.42
O2 EDO H . -14.11 15.46 -11.16
C1 EDO I . -11.21 -17.43 13.55
O1 EDO I . -10.17 -18.25 12.98
C2 EDO I . -10.60 -16.57 14.66
O2 EDO I . -11.15 -15.24 14.57
C10 YPM J . 4.57 -1.27 16.39
C11 YPM J . 4.72 -4.49 13.01
C02 YPM J . 3.99 -3.55 13.95
C04 YPM J . 3.78 -2.57 16.19
C05 YPM J . 3.52 -3.22 17.57
C06 YPM J . 2.68 -2.29 18.45
C07 YPM J . 3.30 -0.89 18.60
C09 YPM J . 3.76 -0.28 17.25
C12 YPM J . 4.29 -4.15 11.57
C13 YPM J . 5.03 -5.05 10.54
C14 YPM J . 6.55 -4.84 10.73
C15 YPM J . 4.60 -4.70 9.11
C16 YPM J . 4.07 -5.69 8.28
C17 YPM J . 3.69 -5.41 6.98
C18 YPM J . 3.82 -4.12 6.47
C19 YPM J . 4.34 -3.12 7.28
C20 YPM J . 4.73 -3.41 8.58
C21 YPM J . 4.70 -6.52 10.86
C22 YPM J . 5.14 -6.89 12.30
C23 YPM J . 6.66 -6.64 12.47
C24 YPM J . 6.99 -5.18 12.18
C25 YPM J . 6.24 -4.28 13.18
C26 YPM J . 4.91 -8.40 12.50
C27 YPM J . 4.27 -9.14 11.51
C28 YPM J . 4.05 -10.50 11.65
C29 YPM J . 4.48 -11.17 12.79
C30 YPM J . 5.13 -10.46 13.78
C31 YPM J . 5.34 -9.08 13.64
C32 YPM J . 4.39 -5.97 13.30
N03 YPM J . 4.44 -3.47 15.23
N08 YPM J . 2.30 0.03 19.21
O01 YPM J . 3.05 -2.87 13.57
C1 EDO K . -6.91 -11.62 -4.77
O1 EDO K . -7.37 -12.83 -4.14
C2 EDO K . -6.10 -11.89 -6.05
O2 EDO K . -4.94 -12.68 -5.73
#